data_6CQE
#
_entry.id   6CQE
#
_cell.length_a   76.498
_cell.length_b   87.484
_cell.length_c   98.991
_cell.angle_alpha   90.00
_cell.angle_beta   90.00
_cell.angle_gamma   90.00
#
_symmetry.space_group_name_H-M   'P 21 21 2'
#
loop_
_entity.id
_entity.type
_entity.pdbx_description
1 polymer 'Mitogen-activated protein kinase kinase kinase kinase 1'
2 water water
#
_entity_poly.entity_id   1
_entity_poly.type   'polypeptide(L)'
_entity_poly.pdbx_seq_one_letter_code
;GSDVVDPDIFNRDPRDHYDLLQRLGGGTYGEVFKARDKVSGDLVALKMVKMEPDDDVSTLQKEILILKTCRHANIVAYHG
SYLWLQKLWICMEFCGAGSLQDIYQVTGSLSELQISYVCREVLQGLAYLHSQKKIHRDIKGANILINDAGEVRLADFGIS
AQIGATLARRLAFIGTPYWMAPEVAAVALKGGYNELCDIWSLGITAIELAELQPPLFDVHPLRVLFLMTKSGYQPPRLKE
KGKWSAAFHNFIKVTLTKSPKKRPSATKMLSHQLVSQPGLNRGLILDLLDKLKNN
;
_entity_poly.pdbx_strand_id   A,B
#
# COMPACT_ATOMS: atom_id res chain seq x y z
N VAL A 5 5.75 -23.43 -16.19
CA VAL A 5 5.55 -22.94 -17.55
C VAL A 5 6.30 -21.61 -17.77
N ASP A 6 6.51 -21.25 -19.03
CA ASP A 6 7.24 -20.02 -19.40
C ASP A 6 6.30 -18.83 -19.55
N PRO A 7 6.64 -17.68 -18.93
CA PRO A 7 5.78 -16.48 -18.95
C PRO A 7 5.74 -15.79 -20.32
N ASP A 8 6.54 -16.30 -21.27
CA ASP A 8 6.81 -15.66 -22.55
C ASP A 8 6.88 -14.13 -22.55
N ILE A 9 7.90 -13.61 -21.87
CA ILE A 9 8.31 -12.22 -21.99
C ILE A 9 9.40 -12.15 -23.05
N PHE A 10 9.08 -11.57 -24.20
CA PHE A 10 10.02 -11.54 -25.31
C PHE A 10 10.87 -10.27 -25.30
N ASN A 11 12.18 -10.43 -25.52
CA ASN A 11 13.05 -9.27 -25.74
C ASN A 11 13.09 -8.94 -27.23
N ARG A 12 11.99 -8.35 -27.70
CA ARG A 12 11.79 -8.09 -29.12
C ARG A 12 10.84 -6.90 -29.23
N ASP A 13 10.90 -6.19 -30.36
CA ASP A 13 9.95 -5.12 -30.64
C ASP A 13 8.59 -5.75 -30.89
N PRO A 14 7.55 -5.38 -30.12
CA PRO A 14 6.26 -6.05 -30.37
C PRO A 14 5.73 -5.80 -31.79
N ARG A 15 6.15 -4.69 -32.39
CA ARG A 15 5.78 -4.37 -33.78
C ARG A 15 6.36 -5.36 -34.80
N ASP A 16 7.26 -6.24 -34.36
CA ASP A 16 7.72 -7.35 -35.19
C ASP A 16 6.54 -8.30 -35.42
N HIS A 17 5.49 -8.14 -34.63
CA HIS A 17 4.37 -9.08 -34.65
C HIS A 17 3.03 -8.40 -34.89
N TYR A 18 2.93 -7.12 -34.54
CA TYR A 18 1.64 -6.42 -34.49
C TYR A 18 1.66 -5.06 -35.16
N ASP A 19 0.59 -4.72 -35.86
CA ASP A 19 0.38 -3.35 -36.30
C ASP A 19 -0.52 -2.62 -35.30
N LEU A 20 -0.04 -1.50 -34.79
CA LEU A 20 -0.84 -0.63 -33.94
C LEU A 20 -1.93 0.05 -34.78
N LEU A 21 -3.14 0.09 -34.25
CA LEU A 21 -4.25 0.68 -34.99
C LEU A 21 -4.70 2.00 -34.37
N GLN A 22 -4.98 1.99 -33.07
CA GLN A 22 -5.34 3.22 -32.39
C GLN A 22 -5.15 3.17 -30.87
N ARG A 23 -4.93 4.36 -30.30
CA ARG A 23 -4.75 4.54 -28.89
C ARG A 23 -6.12 4.55 -28.21
N LEU A 24 -6.24 3.83 -27.09
CA LEU A 24 -7.54 3.68 -26.42
C LEU A 24 -7.60 4.40 -25.08
N GLY A 25 -6.45 4.80 -24.56
CA GLY A 25 -6.39 5.47 -23.26
C GLY A 25 -5.82 4.59 -22.17
N GLY A 30 0.21 3.66 -18.23
CA GLY A 30 0.73 3.85 -19.58
C GLY A 30 -0.36 3.91 -20.63
N GLU A 31 -0.07 3.38 -21.81
CA GLU A 31 -0.99 3.46 -22.95
C GLU A 31 -1.57 2.11 -23.31
N VAL A 32 -2.81 2.12 -23.81
CA VAL A 32 -3.45 0.91 -24.33
C VAL A 32 -3.72 1.09 -25.81
N PHE A 33 -3.33 0.09 -26.60
CA PHE A 33 -3.54 0.15 -28.05
C PHE A 33 -4.39 -0.99 -28.55
N LYS A 34 -5.29 -0.65 -29.46
CA LYS A 34 -5.88 -1.64 -30.33
C LYS A 34 -4.80 -2.00 -31.33
N ALA A 35 -4.61 -3.29 -31.57
CA ALA A 35 -3.55 -3.75 -32.45
C ALA A 35 -3.99 -5.00 -33.20
N ARG A 36 -3.33 -5.27 -34.32
CA ARG A 36 -3.67 -6.44 -35.13
C ARG A 36 -2.46 -7.30 -35.40
N ASP A 37 -2.60 -8.60 -35.13
CA ASP A 37 -1.57 -9.57 -35.42
C ASP A 37 -1.26 -9.56 -36.91
N LYS A 38 0.02 -9.40 -37.23
CA LYS A 38 0.48 -9.32 -38.61
C LYS A 38 0.27 -10.64 -39.35
N VAL A 39 0.32 -11.74 -38.61
CA VAL A 39 0.18 -13.07 -39.19
C VAL A 39 -1.27 -13.51 -39.30
N SER A 40 -1.96 -13.61 -38.17
CA SER A 40 -3.30 -14.20 -38.14
C SER A 40 -4.39 -13.20 -38.49
N GLY A 41 -4.14 -11.92 -38.25
CA GLY A 41 -5.14 -10.89 -38.45
C GLY A 41 -6.02 -10.69 -37.23
N ASP A 42 -5.74 -11.47 -36.19
CA ASP A 42 -6.42 -11.35 -34.89
C ASP A 42 -6.27 -9.95 -34.33
N LEU A 43 -7.36 -9.39 -33.79
CA LEU A 43 -7.23 -8.16 -33.03
C LEU A 43 -6.71 -8.47 -31.63
N VAL A 44 -5.93 -7.55 -31.08
CA VAL A 44 -5.42 -7.67 -29.71
C VAL A 44 -5.35 -6.31 -29.04
N ALA A 45 -5.23 -6.33 -27.72
CA ALA A 45 -4.94 -5.12 -26.99
C ALA A 45 -3.48 -5.21 -26.55
N LEU A 46 -2.74 -4.13 -26.77
CA LEU A 46 -1.38 -4.00 -26.27
C LEU A 46 -1.32 -2.92 -25.21
N LYS A 47 -1.02 -3.33 -23.97
CA LYS A 47 -0.87 -2.39 -22.87
C LYS A 47 0.62 -2.06 -22.67
N MET A 48 0.96 -0.78 -22.79
CA MET A 48 2.33 -0.34 -22.69
C MET A 48 2.55 0.39 -21.38
N VAL A 49 3.69 0.12 -20.74
CA VAL A 49 4.09 0.78 -19.49
C VAL A 49 5.57 1.15 -19.56
N LYS A 50 5.89 2.41 -19.23
CA LYS A 50 7.27 2.88 -19.24
C LYS A 50 8.09 2.25 -18.11
N MET A 51 9.31 1.84 -18.42
CA MET A 51 10.19 1.27 -17.41
C MET A 51 11.26 2.26 -16.98
N GLU A 52 11.53 2.30 -15.68
CA GLU A 52 12.62 3.10 -15.17
C GLU A 52 13.89 2.26 -15.10
N PRO A 53 15.06 2.92 -15.09
CA PRO A 53 16.34 2.21 -14.92
C PRO A 53 16.31 1.30 -13.70
N ASP A 54 15.64 1.73 -12.65
CA ASP A 54 15.49 0.95 -11.44
C ASP A 54 14.74 -0.38 -11.68
N ASP A 55 13.95 -0.44 -12.75
CA ASP A 55 12.98 -1.53 -12.92
C ASP A 55 13.55 -2.88 -13.34
N ASP A 56 12.94 -3.94 -12.84
CA ASP A 56 13.29 -5.31 -13.22
C ASP A 56 12.01 -6.10 -13.57
N VAL A 57 11.80 -6.31 -14.86
CA VAL A 57 10.61 -7.00 -15.35
C VAL A 57 10.51 -8.43 -14.81
N SER A 58 11.64 -9.00 -14.41
CA SER A 58 11.65 -10.40 -13.95
C SER A 58 10.89 -10.58 -12.65
N THR A 59 10.72 -9.48 -11.91
CA THR A 59 9.96 -9.53 -10.67
C THR A 59 8.47 -9.66 -10.94
N LEU A 60 8.06 -9.46 -12.20
CA LEU A 60 6.63 -9.57 -12.55
C LEU A 60 6.25 -10.97 -13.02
N GLN A 61 7.20 -11.89 -13.01
CA GLN A 61 6.98 -13.21 -13.58
C GLN A 61 5.87 -13.98 -12.91
N LYS A 62 5.78 -13.86 -11.58
CA LYS A 62 4.76 -14.60 -10.85
C LYS A 62 3.35 -14.21 -11.27
N GLU A 63 3.07 -12.90 -11.27
CA GLU A 63 1.76 -12.39 -11.69
C GLU A 63 1.47 -12.68 -13.16
N ILE A 64 2.52 -12.66 -13.98
CA ILE A 64 2.36 -12.92 -15.39
C ILE A 64 1.96 -14.39 -15.59
N LEU A 65 2.61 -15.28 -14.87
CA LEU A 65 2.28 -16.70 -14.92
C LEU A 65 0.86 -17.00 -14.43
N ILE A 66 0.41 -16.24 -13.42
CA ILE A 66 -0.92 -16.45 -12.88
C ILE A 66 -1.97 -16.15 -13.95
N LEU A 67 -1.72 -15.09 -14.72
CA LEU A 67 -2.61 -14.71 -15.79
C LEU A 67 -2.47 -15.70 -16.96
N LYS A 68 -1.23 -16.02 -17.33
CA LYS A 68 -0.99 -16.88 -18.48
C LYS A 68 -1.68 -18.24 -18.37
N THR A 69 -1.66 -18.81 -17.17
CA THR A 69 -2.20 -20.15 -17.00
C THR A 69 -3.72 -20.21 -16.87
N CYS A 70 -4.37 -19.06 -16.92
CA CYS A 70 -5.84 -19.07 -16.91
C CYS A 70 -6.34 -19.58 -18.26
N ARG A 71 -7.30 -20.51 -18.21
CA ARG A 71 -7.92 -21.03 -19.43
C ARG A 71 -9.43 -21.06 -19.26
N HIS A 72 -10.07 -19.91 -19.42
CA HIS A 72 -11.51 -19.81 -19.25
C HIS A 72 -12.04 -18.64 -20.06
N ALA A 73 -13.20 -18.85 -20.68
CA ALA A 73 -13.80 -17.85 -21.53
C ALA A 73 -13.96 -16.50 -20.84
N ASN A 74 -14.28 -16.50 -19.55
CA ASN A 74 -14.62 -15.24 -18.87
C ASN A 74 -13.42 -14.50 -18.26
N ILE A 75 -12.21 -15.02 -18.48
CA ILE A 75 -10.97 -14.35 -18.08
C ILE A 75 -10.29 -13.85 -19.34
N VAL A 76 -9.88 -12.58 -19.35
CA VAL A 76 -9.20 -12.04 -20.52
C VAL A 76 -7.97 -12.90 -20.88
N ALA A 77 -7.88 -13.26 -22.15
CA ALA A 77 -6.77 -14.10 -22.62
C ALA A 77 -5.45 -13.32 -22.63
N TYR A 78 -4.36 -14.02 -22.35
CA TYR A 78 -3.00 -13.46 -22.37
C TYR A 78 -2.22 -14.06 -23.54
N HIS A 79 -1.57 -13.21 -24.33
CA HIS A 79 -0.89 -13.69 -25.54
C HIS A 79 0.63 -13.59 -25.44
N GLY A 80 1.12 -12.77 -24.51
CA GLY A 80 2.55 -12.60 -24.35
C GLY A 80 2.95 -11.20 -23.93
N SER A 81 4.20 -11.08 -23.53
CA SER A 81 4.74 -9.80 -23.11
C SER A 81 6.03 -9.50 -23.87
N TYR A 82 6.31 -8.21 -24.03
CA TYR A 82 7.48 -7.76 -24.78
C TYR A 82 8.19 -6.68 -23.97
N LEU A 83 9.51 -6.79 -23.86
CA LEU A 83 10.30 -5.74 -23.23
C LEU A 83 11.18 -5.13 -24.31
N TRP A 84 11.03 -3.83 -24.55
CA TRP A 84 11.74 -3.21 -25.67
C TRP A 84 11.95 -1.72 -25.47
N LEU A 85 13.21 -1.29 -25.53
CA LEU A 85 13.56 0.13 -25.38
C LEU A 85 12.94 0.73 -24.14
N GLN A 86 13.06 0.01 -23.03
CA GLN A 86 12.56 0.46 -21.73
C GLN A 86 11.03 0.65 -21.71
N LYS A 87 10.33 -0.09 -22.57
CA LYS A 87 8.88 -0.18 -22.48
C LYS A 87 8.50 -1.65 -22.34
N LEU A 88 7.57 -1.91 -21.42
CA LEU A 88 6.97 -3.23 -21.27
C LEU A 88 5.60 -3.23 -21.95
N TRP A 89 5.41 -4.16 -22.89
CA TRP A 89 4.13 -4.31 -23.57
C TRP A 89 3.51 -5.64 -23.17
N ILE A 90 2.25 -5.60 -22.76
CA ILE A 90 1.53 -6.81 -22.40
C ILE A 90 0.42 -7.01 -23.44
N CYS A 91 0.43 -8.15 -24.10
CA CYS A 91 -0.52 -8.41 -25.17
C CYS A 91 -1.64 -9.29 -24.67
N MET A 92 -2.87 -8.81 -24.81
CA MET A 92 -4.04 -9.51 -24.27
C MET A 92 -5.18 -9.50 -25.28
N GLU A 93 -6.21 -10.29 -24.99
CA GLU A 93 -7.42 -10.35 -25.78
C GLU A 93 -8.02 -8.96 -25.96
N PHE A 94 -8.53 -8.68 -27.17
CA PHE A 94 -9.13 -7.37 -27.42
C PHE A 94 -10.64 -7.35 -27.13
N CYS A 95 -11.05 -6.38 -26.31
CA CYS A 95 -12.46 -6.21 -25.94
C CYS A 95 -12.88 -4.81 -26.36
N GLY A 96 -13.55 -4.75 -27.49
CA GLY A 96 -13.72 -3.53 -28.25
C GLY A 96 -14.59 -2.45 -27.63
N ALA A 97 -15.43 -2.83 -26.68
CA ALA A 97 -16.31 -1.85 -26.04
C ALA A 97 -15.72 -1.25 -24.76
N GLY A 98 -14.56 -1.75 -24.34
CA GLY A 98 -13.92 -1.23 -23.14
C GLY A 98 -14.51 -1.82 -21.88
N SER A 99 -14.37 -1.10 -20.76
CA SER A 99 -14.85 -1.61 -19.48
C SER A 99 -16.29 -1.16 -19.26
N LEU A 100 -16.98 -1.78 -18.31
CA LEU A 100 -18.35 -1.37 -18.03
C LEU A 100 -18.39 0.05 -17.48
N GLN A 101 -17.33 0.47 -16.82
CA GLN A 101 -17.23 1.85 -16.35
C GLN A 101 -17.17 2.78 -17.56
N ASP A 102 -16.32 2.45 -18.52
CA ASP A 102 -16.23 3.19 -19.77
C ASP A 102 -17.62 3.34 -20.39
N ILE A 103 -18.37 2.23 -20.41
CA ILE A 103 -19.69 2.19 -21.01
C ILE A 103 -20.76 2.97 -20.23
N TYR A 104 -20.90 2.71 -18.92
CA TYR A 104 -21.99 3.37 -18.18
C TYR A 104 -21.80 4.88 -18.01
N GLN A 105 -20.56 5.34 -18.11
CA GLN A 105 -20.34 6.79 -18.07
C GLN A 105 -21.00 7.52 -19.25
N VAL A 106 -21.34 6.75 -20.29
CA VAL A 106 -22.05 7.28 -21.46
C VAL A 106 -23.53 6.90 -21.44
N THR A 107 -23.82 5.62 -21.18
CA THR A 107 -25.18 5.11 -21.28
C THR A 107 -26.05 5.39 -20.07
N GLY A 108 -25.42 5.58 -18.90
CA GLY A 108 -26.18 5.62 -17.67
C GLY A 108 -26.32 4.22 -17.10
N SER A 109 -27.07 4.08 -16.01
CA SER A 109 -27.14 2.79 -15.33
C SER A 109 -27.68 1.65 -16.19
N LEU A 110 -27.17 0.45 -15.91
CA LEU A 110 -27.62 -0.76 -16.59
C LEU A 110 -28.98 -1.22 -16.06
N SER A 111 -29.71 -1.95 -16.90
CA SER A 111 -30.96 -2.57 -16.48
C SER A 111 -30.68 -3.72 -15.54
N GLU A 112 -31.69 -4.13 -14.76
CA GLU A 112 -31.50 -5.27 -13.87
C GLU A 112 -31.10 -6.53 -14.65
N LEU A 113 -31.75 -6.80 -15.79
CA LEU A 113 -31.34 -7.93 -16.62
C LEU A 113 -29.88 -7.87 -17.07
N GLN A 114 -29.44 -6.69 -17.50
CA GLN A 114 -28.06 -6.53 -17.99
C GLN A 114 -27.08 -6.79 -16.85
N ILE A 115 -27.40 -6.27 -15.68
CA ILE A 115 -26.61 -6.50 -14.49
C ILE A 115 -26.58 -7.99 -14.12
N SER A 116 -27.74 -8.64 -14.26
CA SER A 116 -27.89 -10.06 -13.89
C SER A 116 -27.01 -10.92 -14.78
N TYR A 117 -26.99 -10.61 -16.08
CA TYR A 117 -26.11 -11.30 -17.02
C TYR A 117 -24.62 -11.06 -16.70
N VAL A 118 -24.23 -9.81 -16.50
CA VAL A 118 -22.85 -9.48 -16.14
C VAL A 118 -22.41 -10.24 -14.88
N CYS A 119 -23.27 -10.27 -13.88
CA CYS A 119 -22.95 -10.94 -12.63
C CYS A 119 -22.75 -12.42 -12.84
N ARG A 120 -23.64 -13.04 -13.60
CA ARG A 120 -23.49 -14.45 -13.91
C ARG A 120 -22.16 -14.73 -14.59
N GLU A 121 -21.80 -13.92 -15.58
CA GLU A 121 -20.53 -14.13 -16.30
C GLU A 121 -19.32 -13.90 -15.40
N VAL A 122 -19.36 -12.86 -14.56
CA VAL A 122 -18.28 -12.61 -13.60
C VAL A 122 -18.13 -13.80 -12.65
N LEU A 123 -19.27 -14.30 -12.19
CA LEU A 123 -19.31 -15.43 -11.26
C LEU A 123 -18.74 -16.70 -11.89
N GLN A 124 -18.97 -16.89 -13.19
CA GLN A 124 -18.34 -18.04 -13.87
C GLN A 124 -16.83 -17.87 -13.90
N GLY A 125 -16.37 -16.66 -14.21
CA GLY A 125 -14.94 -16.36 -14.12
C GLY A 125 -14.37 -16.59 -12.73
N LEU A 126 -15.07 -16.10 -11.71
CA LEU A 126 -14.60 -16.24 -10.33
C LEU A 126 -14.60 -17.70 -9.87
N ALA A 127 -15.64 -18.44 -10.22
CA ALA A 127 -15.68 -19.85 -9.88
C ALA A 127 -14.45 -20.56 -10.45
N TYR A 128 -14.10 -20.24 -11.69
CA TYR A 128 -12.94 -20.83 -12.34
C TYR A 128 -11.66 -20.48 -11.58
N LEU A 129 -11.44 -19.19 -11.38
CA LEU A 129 -10.27 -18.70 -10.65
C LEU A 129 -10.13 -19.38 -9.30
N HIS A 130 -11.20 -19.36 -8.52
CA HIS A 130 -11.19 -19.96 -7.19
C HIS A 130 -10.89 -21.45 -7.21
N SER A 131 -11.39 -22.16 -8.21
CA SER A 131 -11.08 -23.58 -8.36
C SER A 131 -9.59 -23.82 -8.64
N GLN A 132 -8.93 -22.79 -9.16
CA GLN A 132 -7.49 -22.86 -9.47
C GLN A 132 -6.68 -22.23 -8.33
N LYS A 133 -7.36 -21.93 -7.22
CA LYS A 133 -6.75 -21.32 -6.04
C LYS A 133 -6.14 -19.95 -6.35
N LYS A 134 -6.77 -19.25 -7.28
CA LYS A 134 -6.42 -17.86 -7.59
C LYS A 134 -7.51 -16.94 -7.04
N ILE A 135 -7.12 -15.70 -6.75
CA ILE A 135 -8.09 -14.68 -6.32
C ILE A 135 -8.00 -13.51 -7.29
N HIS A 136 -9.15 -12.98 -7.73
CA HIS A 136 -9.08 -11.85 -8.64
C HIS A 136 -8.54 -10.61 -7.95
N ARG A 137 -9.13 -10.28 -6.79
CA ARG A 137 -8.72 -9.16 -5.92
C ARG A 137 -9.24 -7.77 -6.27
N ASP A 138 -9.72 -7.54 -7.49
CA ASP A 138 -10.18 -6.19 -7.83
C ASP A 138 -11.42 -6.17 -8.72
N ILE A 139 -12.47 -6.85 -8.29
CA ILE A 139 -13.72 -6.82 -9.06
C ILE A 139 -14.37 -5.46 -8.91
N LYS A 140 -14.59 -4.82 -10.06
CA LYS A 140 -15.25 -3.52 -10.14
C LYS A 140 -15.55 -3.26 -11.61
N GLY A 141 -16.39 -2.25 -11.87
CA GLY A 141 -16.81 -1.98 -13.24
C GLY A 141 -15.65 -1.77 -14.19
N ALA A 142 -14.63 -1.06 -13.73
CA ALA A 142 -13.48 -0.76 -14.56
C ALA A 142 -12.67 -2.00 -14.97
N ASN A 143 -12.83 -3.12 -14.26
CA ASN A 143 -12.10 -4.35 -14.55
C ASN A 143 -12.97 -5.43 -15.19
N ILE A 144 -14.19 -5.06 -15.56
CA ILE A 144 -15.04 -5.97 -16.32
C ILE A 144 -15.12 -5.45 -17.74
N LEU A 145 -14.53 -6.20 -18.66
CA LEU A 145 -14.41 -5.78 -20.05
C LEU A 145 -15.46 -6.45 -20.93
N ILE A 146 -15.89 -5.73 -21.95
CA ILE A 146 -16.98 -6.12 -22.83
C ILE A 146 -16.51 -6.14 -24.29
N ASN A 147 -16.66 -7.26 -24.98
CA ASN A 147 -16.31 -7.25 -26.40
C ASN A 147 -17.49 -6.89 -27.31
N ASP A 148 -17.22 -6.74 -28.60
CA ASP A 148 -18.26 -6.33 -29.53
C ASP A 148 -19.35 -7.39 -29.67
N ALA A 149 -19.08 -8.61 -29.23
CA ALA A 149 -20.09 -9.66 -29.24
C ALA A 149 -20.95 -9.65 -27.96
N GLY A 150 -20.68 -8.69 -27.08
CA GLY A 150 -21.41 -8.59 -25.83
C GLY A 150 -21.00 -9.60 -24.79
N GLU A 151 -19.80 -10.17 -24.95
CA GLU A 151 -19.27 -11.12 -24.00
C GLU A 151 -18.47 -10.42 -22.90
N VAL A 152 -18.36 -11.09 -21.76
CA VAL A 152 -17.85 -10.47 -20.54
C VAL A 152 -16.53 -11.11 -20.11
N ARG A 153 -15.51 -10.27 -19.90
CA ARG A 153 -14.16 -10.73 -19.59
C ARG A 153 -13.62 -9.98 -18.38
N LEU A 154 -13.10 -10.72 -17.40
CA LEU A 154 -12.41 -10.09 -16.28
C LEU A 154 -11.01 -9.69 -16.69
N ALA A 155 -10.67 -8.42 -16.51
CA ALA A 155 -9.32 -7.91 -16.75
C ALA A 155 -8.39 -8.28 -15.60
N ASP A 156 -7.09 -8.27 -15.86
CA ASP A 156 -6.12 -8.61 -14.81
C ASP A 156 -5.83 -7.47 -13.86
N PHE A 157 -5.68 -7.82 -12.58
CA PHE A 157 -5.36 -6.86 -11.53
C PHE A 157 -3.89 -6.95 -11.08
N GLY A 158 -3.39 -8.18 -11.02
CA GLY A 158 -2.12 -8.46 -10.37
C GLY A 158 -0.89 -7.76 -10.92
N ILE A 159 -0.79 -7.67 -12.24
CA ILE A 159 0.39 -7.08 -12.85
C ILE A 159 0.37 -5.57 -12.60
N SER A 160 -0.77 -4.96 -12.86
CA SER A 160 -0.97 -3.54 -12.60
C SER A 160 -0.72 -3.18 -11.15
N ALA A 161 -1.18 -4.04 -10.24
CA ALA A 161 -0.99 -3.78 -8.82
C ALA A 161 0.49 -3.63 -8.48
N GLN A 162 1.31 -4.51 -9.08
CA GLN A 162 2.73 -4.52 -8.77
C GLN A 162 3.44 -3.31 -9.36
N ILE A 163 3.08 -2.96 -10.58
CA ILE A 163 3.60 -1.74 -11.19
C ILE A 163 3.22 -0.51 -10.35
N GLY A 164 1.96 -0.44 -9.92
CA GLY A 164 1.50 0.66 -9.09
C GLY A 164 2.29 0.77 -7.79
N ALA A 165 2.50 -0.37 -7.12
CA ALA A 165 3.23 -0.39 -5.86
C ALA A 165 4.67 0.10 -6.04
N THR A 166 5.30 -0.32 -7.13
CA THR A 166 6.67 0.11 -7.42
C THR A 166 6.77 1.62 -7.57
N LEU A 167 5.82 2.20 -8.29
CA LEU A 167 5.74 3.66 -8.42
C LEU A 167 5.55 4.34 -7.07
N ALA A 168 4.65 3.80 -6.27
CA ALA A 168 4.40 4.32 -4.93
C ALA A 168 5.65 4.25 -4.04
N ARG A 169 6.39 3.15 -4.13
CA ARG A 169 7.64 3.02 -3.36
C ARG A 169 8.66 4.05 -3.82
N ARG A 170 8.75 4.23 -5.13
CA ARG A 170 9.71 5.16 -5.72
C ARG A 170 9.51 6.58 -5.21
N LEU A 171 8.25 6.98 -5.09
CA LEU A 171 7.92 8.33 -4.63
C LEU A 171 7.78 8.40 -3.12
N ALA A 172 8.09 7.30 -2.44
CA ALA A 172 7.98 7.19 -0.99
C ALA A 172 6.58 7.49 -0.44
N PHE A 173 5.55 7.22 -1.24
CA PHE A 173 4.18 7.28 -0.75
C PHE A 173 3.93 6.08 0.16
N ILE A 174 4.59 4.97 -0.16
CA ILE A 174 4.59 3.81 0.71
C ILE A 174 6.04 3.42 0.96
N GLY A 175 6.26 2.64 2.01
CA GLY A 175 7.62 2.29 2.38
C GLY A 175 8.19 1.12 1.59
N THR A 176 9.50 0.94 1.70
CA THR A 176 10.19 -0.23 1.19
C THR A 176 10.17 -1.34 2.25
N PRO A 177 10.56 -2.57 1.88
CA PRO A 177 10.42 -3.64 2.89
C PRO A 177 11.72 -4.00 3.61
N TYR A 178 12.79 -3.28 3.33
CA TYR A 178 14.11 -3.63 3.85
C TYR A 178 14.19 -3.74 5.36
N TRP A 179 13.44 -2.90 6.07
CA TRP A 179 13.42 -2.96 7.54
C TRP A 179 12.29 -3.84 8.11
N MET A 180 11.41 -4.37 7.27
CA MET A 180 10.21 -5.07 7.77
C MET A 180 10.52 -6.44 8.37
N ALA A 181 9.87 -6.78 9.48
CA ALA A 181 9.91 -8.15 9.98
C ALA A 181 9.22 -9.07 8.97
N PRO A 182 9.56 -10.37 8.99
CA PRO A 182 8.93 -11.33 8.07
C PRO A 182 7.40 -11.38 8.19
N GLU A 183 6.83 -11.26 9.39
CA GLU A 183 5.36 -11.21 9.55
C GLU A 183 4.78 -10.06 8.74
N VAL A 184 5.46 -8.93 8.80
CA VAL A 184 4.98 -7.71 8.18
C VAL A 184 5.11 -7.83 6.67
N ALA A 185 6.24 -8.37 6.22
CA ALA A 185 6.44 -8.61 4.80
C ALA A 185 5.39 -9.56 4.26
N ALA A 186 5.05 -10.58 5.04
CA ALA A 186 4.11 -11.60 4.61
C ALA A 186 2.72 -11.00 4.39
N VAL A 187 2.29 -10.17 5.32
CA VAL A 187 1.01 -9.49 5.19
C VAL A 187 1.01 -8.55 3.98
N ALA A 188 2.12 -7.84 3.78
CA ALA A 188 2.24 -6.92 2.65
C ALA A 188 2.11 -7.65 1.31
N LEU A 189 2.42 -8.95 1.31
CA LEU A 189 2.28 -9.76 0.10
C LEU A 189 0.88 -10.40 0.00
N LYS A 190 0.34 -10.84 1.14
CA LYS A 190 -0.97 -11.48 1.17
C LYS A 190 -2.14 -10.47 1.18
N GLY A 191 -1.92 -9.31 1.83
CA GLY A 191 -2.84 -8.21 1.76
C GLY A 191 -4.26 -8.40 2.28
N GLY A 192 -4.49 -9.48 3.01
CA GLY A 192 -5.82 -9.76 3.55
C GLY A 192 -6.83 -10.26 2.55
N TYR A 193 -6.38 -10.55 1.33
CA TYR A 193 -7.27 -11.13 0.33
C TYR A 193 -7.54 -12.60 0.64
N ASN A 194 -8.80 -13.00 0.46
CA ASN A 194 -9.20 -14.40 0.49
C ASN A 194 -10.20 -14.54 -0.67
N GLU A 195 -10.40 -15.75 -1.19
CA GLU A 195 -11.24 -15.91 -2.38
C GLU A 195 -12.62 -15.25 -2.25
N LEU A 196 -13.20 -15.27 -1.06
CA LEU A 196 -14.55 -14.75 -0.87
C LEU A 196 -14.61 -13.23 -0.92
N CYS A 197 -13.45 -12.56 -0.87
CA CYS A 197 -13.46 -11.12 -0.98
C CYS A 197 -13.95 -10.69 -2.37
N ASP A 198 -13.74 -11.55 -3.37
CA ASP A 198 -14.23 -11.28 -4.74
C ASP A 198 -15.76 -11.25 -4.78
N ILE A 199 -16.39 -12.04 -3.92
CA ILE A 199 -17.85 -12.09 -3.87
C ILE A 199 -18.42 -10.77 -3.32
N TRP A 200 -17.81 -10.27 -2.25
CA TRP A 200 -18.20 -8.98 -1.71
C TRP A 200 -18.03 -7.90 -2.77
N SER A 201 -16.88 -7.90 -3.44
CA SER A 201 -16.59 -6.89 -4.46
C SER A 201 -17.61 -6.92 -5.59
N LEU A 202 -18.04 -8.12 -5.96
CA LEU A 202 -19.10 -8.25 -6.97
C LEU A 202 -20.42 -7.62 -6.52
N GLY A 203 -20.78 -7.82 -5.26
CA GLY A 203 -21.97 -7.16 -4.70
C GLY A 203 -21.88 -5.64 -4.83
N ILE A 204 -20.72 -5.07 -4.51
CA ILE A 204 -20.51 -3.63 -4.63
C ILE A 204 -20.60 -3.19 -6.08
N THR A 205 -20.00 -3.98 -6.95
CA THR A 205 -20.06 -3.77 -8.40
C THR A 205 -21.48 -3.76 -8.96
N ALA A 206 -22.34 -4.66 -8.49
CA ALA A 206 -23.73 -4.65 -8.94
C ALA A 206 -24.39 -3.32 -8.58
N ILE A 207 -24.08 -2.80 -7.40
CA ILE A 207 -24.62 -1.51 -6.99
C ILE A 207 -24.06 -0.39 -7.89
N GLU A 208 -22.77 -0.51 -8.20
CA GLU A 208 -22.08 0.48 -9.04
C GLU A 208 -22.70 0.53 -10.43
N LEU A 209 -23.05 -0.63 -10.96
CA LEU A 209 -23.66 -0.73 -12.28
C LEU A 209 -25.08 -0.17 -12.27
N ALA A 210 -25.74 -0.33 -11.14
CA ALA A 210 -27.10 0.19 -10.97
C ALA A 210 -27.15 1.69 -10.69
N GLU A 211 -26.10 2.24 -10.07
CA GLU A 211 -26.18 3.60 -9.53
C GLU A 211 -25.06 4.54 -10.01
N LEU A 212 -24.11 3.98 -10.75
CA LEU A 212 -23.00 4.71 -11.38
C LEU A 212 -21.85 5.07 -10.46
N GLN A 213 -21.94 4.66 -9.20
CA GLN A 213 -20.85 4.76 -8.23
C GLN A 213 -21.02 3.65 -7.19
N PRO A 214 -19.90 3.17 -6.62
CA PRO A 214 -20.05 2.29 -5.46
C PRO A 214 -20.56 3.09 -4.27
N PRO A 215 -21.09 2.40 -3.24
CA PRO A 215 -21.49 3.01 -1.97
C PRO A 215 -20.34 3.82 -1.38
N LEU A 216 -20.68 4.98 -0.80
CA LEU A 216 -19.71 5.81 -0.08
C LEU A 216 -18.64 6.46 -0.96
N PHE A 217 -18.87 6.45 -2.28
CA PHE A 217 -17.90 7.02 -3.20
C PHE A 217 -17.57 8.48 -2.91
N ASP A 218 -18.50 9.22 -2.31
CA ASP A 218 -18.29 10.65 -2.03
C ASP A 218 -17.65 10.89 -0.66
N VAL A 219 -17.29 9.81 0.00
CA VAL A 219 -16.71 9.87 1.34
C VAL A 219 -15.21 9.58 1.25
N HIS A 220 -14.41 10.29 2.04
CA HIS A 220 -12.94 10.12 2.05
C HIS A 220 -12.52 8.68 2.31
N PRO A 221 -11.56 8.17 1.52
CA PRO A 221 -11.18 6.76 1.60
C PRO A 221 -10.81 6.30 2.99
N LEU A 222 -10.00 7.08 3.71
CA LEU A 222 -9.59 6.68 5.05
C LEU A 222 -10.79 6.60 5.99
N ARG A 223 -11.69 7.57 5.89
CA ARG A 223 -12.93 7.51 6.67
C ARG A 223 -13.73 6.26 6.32
N VAL A 224 -13.81 5.90 5.04
CA VAL A 224 -14.56 4.67 4.75
C VAL A 224 -13.86 3.43 5.28
N LEU A 225 -12.52 3.40 5.24
CA LEU A 225 -11.77 2.34 5.90
C LEU A 225 -12.14 2.18 7.38
N PHE A 226 -12.15 3.29 8.11
CA PHE A 226 -12.56 3.26 9.52
C PHE A 226 -14.02 2.77 9.68
N LEU A 227 -14.93 3.33 8.90
CA LEU A 227 -16.34 2.95 9.01
C LEU A 227 -16.59 1.49 8.66
N MET A 228 -15.96 1.00 7.60
CA MET A 228 -16.29 -0.32 7.10
C MET A 228 -15.73 -1.45 7.94
N THR A 229 -14.85 -1.11 8.89
CA THR A 229 -14.25 -2.12 9.74
C THR A 229 -14.80 -2.21 11.17
N LYS A 230 -15.82 -1.42 11.50
CA LYS A 230 -16.50 -1.60 12.79
C LYS A 230 -17.28 -2.91 12.77
N SER A 231 -17.45 -3.51 13.95
CA SER A 231 -18.21 -4.75 14.08
C SER A 231 -19.66 -4.58 13.64
N GLY A 232 -20.23 -3.41 13.89
CA GLY A 232 -21.62 -3.14 13.57
C GLY A 232 -21.83 -2.37 12.28
N TYR A 233 -20.83 -2.35 11.41
CA TYR A 233 -20.96 -1.73 10.10
C TYR A 233 -22.18 -2.31 9.39
N GLN A 234 -23.02 -1.45 8.83
CA GLN A 234 -24.17 -1.91 8.07
C GLN A 234 -23.77 -2.03 6.61
N PRO A 235 -23.81 -3.26 6.06
CA PRO A 235 -23.49 -3.41 4.63
C PRO A 235 -24.40 -2.54 3.78
N PRO A 236 -23.87 -2.05 2.65
CA PRO A 236 -24.59 -1.18 1.73
C PRO A 236 -25.83 -1.83 1.11
N ARG A 237 -26.75 -1.00 0.63
CA ARG A 237 -27.98 -1.47 0.01
C ARG A 237 -28.22 -0.66 -1.26
N LEU A 238 -29.08 -1.16 -2.15
CA LEU A 238 -29.51 -0.39 -3.30
C LEU A 238 -30.33 0.79 -2.78
N LYS A 239 -30.09 1.97 -3.35
CA LYS A 239 -30.72 3.18 -2.88
C LYS A 239 -32.23 3.21 -3.18
N GLU A 240 -32.60 2.84 -4.41
CA GLU A 240 -34.00 2.92 -4.85
C GLU A 240 -34.74 1.59 -4.80
N LYS A 241 -35.52 1.37 -3.75
CA LYS A 241 -36.10 0.05 -3.50
C LYS A 241 -37.06 -0.45 -4.59
N GLY A 242 -38.03 0.39 -4.96
CA GLY A 242 -39.02 0.01 -5.94
C GLY A 242 -38.48 -0.31 -7.33
N LYS A 243 -37.29 0.19 -7.64
CA LYS A 243 -36.72 0.03 -8.98
C LYS A 243 -36.24 -1.40 -9.24
N TRP A 244 -35.98 -2.16 -8.18
CA TRP A 244 -35.30 -3.45 -8.29
C TRP A 244 -36.11 -4.57 -7.67
N SER A 245 -36.00 -5.75 -8.27
CA SER A 245 -36.75 -6.92 -7.81
C SER A 245 -36.27 -7.37 -6.44
N ALA A 246 -37.12 -8.14 -5.76
CA ALA A 246 -36.72 -8.76 -4.48
C ALA A 246 -35.46 -9.62 -4.67
N ALA A 247 -35.38 -10.28 -5.83
CA ALA A 247 -34.26 -11.13 -6.13
C ALA A 247 -32.96 -10.33 -6.15
N PHE A 248 -32.98 -9.17 -6.81
CA PHE A 248 -31.77 -8.34 -6.87
C PHE A 248 -31.42 -7.86 -5.47
N HIS A 249 -32.39 -7.34 -4.73
CA HIS A 249 -32.14 -6.93 -3.34
C HIS A 249 -31.52 -8.06 -2.52
N ASN A 250 -31.98 -9.29 -2.76
CA ASN A 250 -31.47 -10.43 -2.01
C ASN A 250 -30.05 -10.78 -2.44
N PHE A 251 -29.79 -10.66 -3.74
CA PHE A 251 -28.45 -10.88 -4.28
C PHE A 251 -27.45 -9.96 -3.57
N ILE A 252 -27.82 -8.68 -3.46
CA ILE A 252 -27.02 -7.71 -2.73
C ILE A 252 -26.86 -8.10 -1.26
N LYS A 253 -27.95 -8.46 -0.61
CA LYS A 253 -27.92 -8.85 0.79
C LYS A 253 -26.89 -9.96 1.08
N VAL A 254 -26.91 -11.01 0.25
CA VAL A 254 -26.09 -12.18 0.55
C VAL A 254 -24.64 -12.04 0.07
N THR A 255 -24.41 -11.33 -1.03
CA THR A 255 -23.02 -11.12 -1.43
C THR A 255 -22.31 -10.21 -0.45
N LEU A 256 -23.03 -9.21 0.08
CA LEU A 256 -22.45 -8.29 1.04
C LEU A 256 -22.59 -8.80 2.48
N THR A 257 -22.23 -10.06 2.66
CA THR A 257 -22.17 -10.65 3.99
C THR A 257 -20.83 -10.30 4.65
N LYS A 258 -20.89 -9.72 5.83
CA LYS A 258 -19.68 -9.22 6.48
C LYS A 258 -18.65 -10.29 6.82
N SER A 259 -19.09 -11.36 7.46
CA SER A 259 -18.16 -12.43 7.83
C SER A 259 -17.87 -13.31 6.62
N PRO A 260 -16.59 -13.39 6.22
CA PRO A 260 -16.18 -14.26 5.12
C PRO A 260 -16.51 -15.72 5.39
N LYS A 261 -16.70 -16.07 6.67
CA LYS A 261 -17.06 -17.42 7.05
C LYS A 261 -18.51 -17.76 6.70
N LYS A 262 -19.32 -16.72 6.51
CA LYS A 262 -20.71 -16.95 6.12
C LYS A 262 -21.04 -16.47 4.69
N ARG A 263 -20.09 -15.82 4.03
CA ARG A 263 -20.32 -15.25 2.70
C ARG A 263 -20.38 -16.37 1.66
N PRO A 264 -21.36 -16.31 0.75
CA PRO A 264 -21.50 -17.40 -0.23
C PRO A 264 -20.36 -17.43 -1.24
N SER A 265 -20.00 -18.65 -1.62
CA SER A 265 -18.97 -18.89 -2.64
C SER A 265 -19.50 -18.53 -4.03
N ALA A 266 -18.60 -18.46 -5.01
CA ALA A 266 -18.99 -18.17 -6.39
C ALA A 266 -20.00 -19.18 -6.94
N THR A 267 -19.71 -20.47 -6.76
CA THR A 267 -20.63 -21.48 -7.27
C THR A 267 -21.96 -21.49 -6.51
N LYS A 268 -21.93 -21.18 -5.22
CA LYS A 268 -23.18 -21.05 -4.47
C LYS A 268 -24.00 -19.90 -5.06
N MET A 269 -23.30 -18.80 -5.37
CA MET A 269 -23.91 -17.64 -5.98
C MET A 269 -24.53 -17.96 -7.35
N LEU A 270 -23.92 -18.88 -8.08
CA LEU A 270 -24.42 -19.21 -9.41
C LEU A 270 -25.78 -19.90 -9.35
N SER A 271 -26.15 -20.35 -8.15
CA SER A 271 -27.48 -20.92 -7.94
C SER A 271 -28.52 -19.86 -7.59
N HIS A 272 -28.09 -18.63 -7.34
CA HIS A 272 -29.02 -17.58 -6.95
C HIS A 272 -30.01 -17.28 -8.08
N GLN A 273 -31.26 -16.99 -7.71
CA GLN A 273 -32.32 -16.70 -8.67
C GLN A 273 -31.93 -15.60 -9.67
N LEU A 274 -31.26 -14.56 -9.20
CA LEU A 274 -30.91 -13.44 -10.07
C LEU A 274 -30.07 -13.87 -11.27
N VAL A 275 -29.10 -14.75 -11.05
CA VAL A 275 -28.21 -15.13 -12.13
C VAL A 275 -28.52 -16.49 -12.74
N SER A 276 -29.44 -17.22 -12.14
CA SER A 276 -29.81 -18.53 -12.69
C SER A 276 -31.05 -18.43 -13.57
N GLN A 277 -31.61 -17.23 -13.69
CA GLN A 277 -32.84 -17.06 -14.47
C GLN A 277 -32.61 -17.31 -15.96
N PRO A 278 -33.59 -17.94 -16.61
CA PRO A 278 -33.48 -18.17 -18.05
C PRO A 278 -33.65 -16.85 -18.77
N GLY A 279 -33.03 -16.74 -19.95
CA GLY A 279 -33.14 -15.53 -20.74
C GLY A 279 -31.90 -14.66 -20.70
N LEU A 280 -31.00 -14.92 -19.76
CA LEU A 280 -29.74 -14.18 -19.70
C LEU A 280 -28.80 -14.64 -20.80
N ASN A 281 -28.44 -13.72 -21.69
CA ASN A 281 -27.40 -13.98 -22.70
C ASN A 281 -26.87 -12.66 -23.25
N ARG A 282 -25.86 -12.78 -24.09
CA ARG A 282 -25.11 -11.62 -24.56
C ARG A 282 -25.96 -10.58 -25.30
N GLY A 283 -27.11 -11.00 -25.83
CA GLY A 283 -28.00 -10.06 -26.47
C GLY A 283 -28.36 -8.86 -25.58
N LEU A 284 -28.44 -9.09 -24.27
CA LEU A 284 -28.73 -8.02 -23.32
C LEU A 284 -27.67 -6.92 -23.40
N ILE A 285 -26.44 -7.32 -23.62
CA ILE A 285 -25.33 -6.38 -23.70
C ILE A 285 -25.22 -5.82 -25.11
N LEU A 286 -25.59 -6.62 -26.11
CA LEU A 286 -25.62 -6.11 -27.48
C LEU A 286 -26.56 -4.90 -27.54
N ASP A 287 -27.64 -4.96 -26.78
CA ASP A 287 -28.56 -3.82 -26.60
C ASP A 287 -27.87 -2.60 -26.01
N LEU A 288 -27.06 -2.84 -24.99
CA LEU A 288 -26.34 -1.76 -24.32
C LEU A 288 -25.35 -1.13 -25.29
N LEU A 289 -24.71 -1.96 -26.11
CA LEU A 289 -23.73 -1.46 -27.07
C LEU A 289 -24.40 -0.64 -28.19
N ASP A 290 -25.62 -1.03 -28.56
CA ASP A 290 -26.40 -0.22 -29.49
C ASP A 290 -26.74 1.13 -28.88
N LYS A 291 -27.11 1.12 -27.60
CA LYS A 291 -27.41 2.36 -26.88
C LYS A 291 -26.17 3.26 -26.78
N LEU A 292 -25.02 2.65 -26.51
CA LEU A 292 -23.76 3.38 -26.44
C LEU A 292 -23.47 4.10 -27.75
N LYS A 293 -23.70 3.42 -28.87
CA LYS A 293 -23.37 3.98 -30.17
C LYS A 293 -24.41 4.99 -30.65
N ASN A 294 -25.68 4.66 -30.47
CA ASN A 294 -26.75 5.40 -31.16
C ASN A 294 -27.68 6.21 -30.26
N ASN A 295 -27.84 5.78 -29.01
CA ASN A 295 -28.84 6.39 -28.15
C ASN A 295 -28.34 6.70 -26.74
N ASP B 6 -8.52 16.09 22.85
CA ASP B 6 -8.31 17.11 21.84
C ASP B 6 -7.00 16.87 21.11
N PRO B 7 -7.06 16.63 19.79
CA PRO B 7 -5.85 16.44 18.99
C PRO B 7 -5.14 17.77 18.76
N ASP B 8 -5.77 18.84 19.22
CA ASP B 8 -5.46 20.23 18.89
C ASP B 8 -4.90 20.49 17.48
N ILE B 9 -5.81 20.33 16.51
CA ILE B 9 -5.63 20.84 15.16
C ILE B 9 -6.27 22.22 15.10
N PHE B 10 -5.45 23.25 15.01
CA PHE B 10 -5.94 24.63 15.05
C PHE B 10 -6.23 25.17 13.66
N ASN B 11 -7.33 25.91 13.54
CA ASN B 11 -7.66 26.61 12.30
C ASN B 11 -7.15 28.04 12.33
N ARG B 12 -5.84 28.21 12.27
CA ARG B 12 -5.25 29.53 12.19
C ARG B 12 -3.87 29.44 11.57
N ASP B 13 -3.33 30.60 11.21
CA ASP B 13 -2.02 30.69 10.60
C ASP B 13 -0.98 30.32 11.66
N PRO B 14 -0.15 29.30 11.38
CA PRO B 14 0.89 28.98 12.35
C PRO B 14 1.85 30.16 12.54
N ARG B 15 1.96 31.01 11.52
CA ARG B 15 2.81 32.21 11.60
C ARG B 15 2.30 33.18 12.65
N ASP B 16 1.09 32.95 13.16
CA ASP B 16 0.59 33.72 14.31
C ASP B 16 1.45 33.43 15.53
N HIS B 17 2.01 32.23 15.58
CA HIS B 17 2.73 31.78 16.77
C HIS B 17 4.22 31.56 16.51
N TYR B 18 4.59 31.33 15.25
CA TYR B 18 5.96 30.97 14.91
C TYR B 18 6.56 31.83 13.79
N ASP B 19 7.86 32.11 13.92
CA ASP B 19 8.62 32.70 12.82
C ASP B 19 9.36 31.58 12.10
N LEU B 20 9.06 31.41 10.82
CA LEU B 20 9.82 30.49 10.00
C LEU B 20 11.25 31.00 9.89
N LEU B 21 12.23 30.11 9.91
CA LEU B 21 13.64 30.53 9.87
C LEU B 21 14.39 29.91 8.69
N GLN B 22 14.32 28.59 8.58
CA GLN B 22 15.09 27.88 7.57
C GLN B 22 14.38 26.65 7.05
N ARG B 23 14.39 26.49 5.72
CA ARG B 23 13.93 25.27 5.08
C ARG B 23 14.97 24.18 5.31
N LEU B 24 14.55 23.06 5.87
CA LEU B 24 15.45 21.95 6.15
C LEU B 24 15.45 20.90 5.04
N GLY B 25 14.36 20.85 4.29
CA GLY B 25 14.21 19.87 3.23
C GLY B 25 14.06 18.46 3.77
N TYR B 29 6.78 14.68 0.36
CA TYR B 29 5.40 15.13 0.55
C TYR B 29 5.33 16.64 0.52
N GLY B 30 5.78 17.25 1.61
CA GLY B 30 5.85 18.69 1.72
C GLY B 30 7.23 19.14 2.15
N GLU B 31 7.26 20.14 3.04
CA GLU B 31 8.51 20.77 3.41
C GLU B 31 8.67 20.81 4.92
N VAL B 32 9.92 20.85 5.39
CA VAL B 32 10.20 20.94 6.82
C VAL B 32 10.96 22.21 7.13
N PHE B 33 10.51 22.92 8.16
CA PHE B 33 11.10 24.20 8.53
C PHE B 33 11.55 24.22 9.97
N LYS B 34 12.70 24.84 10.18
CA LYS B 34 13.11 25.23 11.52
C LYS B 34 12.37 26.52 11.83
N ALA B 35 11.76 26.61 13.00
CA ALA B 35 10.99 27.80 13.34
C ALA B 35 11.15 28.12 14.82
N ARG B 36 10.83 29.36 15.18
CA ARG B 36 10.99 29.81 16.57
C ARG B 36 9.68 30.29 17.14
N ASP B 37 9.34 29.79 18.32
CA ASP B 37 8.11 30.22 18.98
C ASP B 37 8.22 31.72 19.32
N LYS B 38 7.17 32.45 18.98
CA LYS B 38 7.15 33.90 19.19
C LYS B 38 7.14 34.32 20.65
N VAL B 39 6.55 33.52 21.53
CA VAL B 39 6.47 33.87 22.94
C VAL B 39 7.58 33.23 23.82
N SER B 40 7.78 31.92 23.68
CA SER B 40 8.76 31.22 24.51
C SER B 40 10.18 31.41 24.00
N GLY B 41 10.32 31.48 22.69
CA GLY B 41 11.63 31.57 22.07
C GLY B 41 12.18 30.19 21.72
N ASP B 42 11.37 29.17 21.97
CA ASP B 42 11.70 27.79 21.62
C ASP B 42 11.85 27.56 20.12
N LEU B 43 12.88 26.81 19.74
CA LEU B 43 12.94 26.29 18.37
C LEU B 43 11.95 25.14 18.26
N VAL B 44 11.30 25.04 17.10
CA VAL B 44 10.43 23.91 16.79
C VAL B 44 10.69 23.48 15.36
N ALA B 45 10.20 22.30 15.02
CA ALA B 45 10.20 21.86 13.64
C ALA B 45 8.76 22.00 13.16
N LEU B 46 8.58 22.59 11.98
CA LEU B 46 7.27 22.68 11.37
C LEU B 46 7.26 21.94 10.05
N LYS B 47 6.44 20.90 9.97
CA LYS B 47 6.30 20.12 8.76
C LYS B 47 5.04 20.56 8.03
N MET B 48 5.21 21.01 6.80
CA MET B 48 4.09 21.49 6.00
C MET B 48 3.75 20.47 4.91
N VAL B 49 2.46 20.22 4.72
CA VAL B 49 2.01 19.37 3.62
C VAL B 49 0.83 20.02 2.90
N LYS B 50 0.93 20.12 1.58
CA LYS B 50 -0.12 20.72 0.77
C LYS B 50 -1.39 19.87 0.83
N MET B 51 -2.53 20.53 0.92
CA MET B 51 -3.81 19.84 0.87
C MET B 51 -4.49 20.06 -0.47
N GLU B 52 -5.12 19.00 -0.97
CA GLU B 52 -5.92 19.07 -2.18
C GLU B 52 -7.38 19.25 -1.78
N PRO B 53 -8.24 19.59 -2.75
CA PRO B 53 -9.68 19.74 -2.45
C PRO B 53 -10.34 18.49 -1.83
N ASP B 54 -9.95 17.29 -2.24
CA ASP B 54 -10.57 16.11 -1.66
C ASP B 54 -9.96 15.69 -0.32
N ASP B 55 -8.99 16.46 0.18
CA ASP B 55 -8.37 16.19 1.46
C ASP B 55 -9.27 16.56 2.64
N ASP B 56 -9.08 15.84 3.75
CA ASP B 56 -9.84 16.08 4.97
C ASP B 56 -8.95 15.77 6.17
N VAL B 57 -8.43 16.81 6.82
CA VAL B 57 -7.50 16.64 7.93
C VAL B 57 -8.13 15.88 9.09
N SER B 58 -9.47 15.88 9.18
CA SER B 58 -10.14 15.22 10.30
C SER B 58 -9.94 13.70 10.27
N THR B 59 -9.57 13.16 9.11
CA THR B 59 -9.30 11.74 9.01
C THR B 59 -7.97 11.39 9.65
N LEU B 60 -7.16 12.41 9.96
CA LEU B 60 -5.84 12.18 10.57
C LEU B 60 -5.90 12.21 12.10
N GLN B 61 -7.10 12.43 12.64
CA GLN B 61 -7.26 12.63 14.07
C GLN B 61 -6.76 11.47 14.91
N LYS B 62 -6.94 10.25 14.42
CA LYS B 62 -6.50 9.08 15.20
C LYS B 62 -4.98 9.01 15.37
N GLU B 63 -4.24 9.07 14.25
CA GLU B 63 -2.78 9.04 14.32
C GLU B 63 -2.24 10.24 15.11
N ILE B 64 -2.89 11.39 14.94
CA ILE B 64 -2.46 12.60 15.65
C ILE B 64 -2.60 12.42 17.17
N LEU B 65 -3.74 11.90 17.59
CA LEU B 65 -3.97 11.59 19.00
C LEU B 65 -2.97 10.56 19.54
N ILE B 66 -2.60 9.60 18.71
CA ILE B 66 -1.64 8.58 19.10
C ILE B 66 -0.31 9.22 19.44
N LEU B 67 0.09 10.19 18.63
CA LEU B 67 1.34 10.91 18.83
C LEU B 67 1.20 11.87 20.01
N LYS B 68 0.10 12.61 20.06
CA LYS B 68 -0.10 13.62 21.10
C LYS B 68 -0.02 13.04 22.52
N THR B 69 -0.62 11.87 22.72
CA THR B 69 -0.69 11.31 24.06
C THR B 69 0.61 10.65 24.52
N CYS B 70 1.61 10.58 23.65
CA CYS B 70 2.91 10.06 24.07
C CYS B 70 3.57 11.01 25.05
N ARG B 71 4.06 10.45 26.16
CA ARG B 71 4.73 11.25 27.17
C ARG B 71 6.03 10.56 27.56
N HIS B 72 7.00 10.61 26.65
CA HIS B 72 8.29 10.00 26.92
C HIS B 72 9.39 10.76 26.22
N ALA B 73 10.53 10.86 26.89
CA ALA B 73 11.67 11.61 26.42
C ALA B 73 12.13 11.17 25.05
N ASN B 74 12.06 9.87 24.78
CA ASN B 74 12.64 9.33 23.55
C ASN B 74 11.68 9.33 22.36
N ILE B 75 10.48 9.86 22.56
CA ILE B 75 9.53 10.03 21.47
C ILE B 75 9.49 11.52 21.14
N VAL B 76 9.56 11.87 19.86
CA VAL B 76 9.54 13.28 19.49
C VAL B 76 8.25 13.93 20.04
N ALA B 77 8.40 15.12 20.63
CA ALA B 77 7.31 15.81 21.28
C ALA B 77 6.39 16.43 20.22
N TYR B 78 5.08 16.41 20.49
CA TYR B 78 4.11 17.03 19.59
C TYR B 78 3.51 18.30 20.22
N HIS B 79 3.52 19.39 19.47
CA HIS B 79 3.09 20.68 20.01
C HIS B 79 1.77 21.16 19.44
N GLY B 80 1.34 20.55 18.34
CA GLY B 80 0.07 20.91 17.74
C GLY B 80 0.10 20.92 16.22
N SER B 81 -1.06 21.08 15.63
CA SER B 81 -1.19 21.09 14.18
C SER B 81 -1.98 22.34 13.79
N TYR B 82 -1.75 22.80 12.57
CA TYR B 82 -2.42 23.99 12.07
C TYR B 82 -2.93 23.73 10.67
N LEU B 83 -4.19 24.10 10.43
CA LEU B 83 -4.72 24.01 9.07
C LEU B 83 -4.96 25.44 8.59
N TRP B 84 -4.32 25.83 7.51
CA TRP B 84 -4.40 27.21 7.05
C TRP B 84 -4.17 27.34 5.55
N LEU B 85 -5.19 27.87 4.85
CA LEU B 85 -5.11 28.06 3.40
C LEU B 85 -4.65 26.79 2.68
N GLN B 86 -5.29 25.68 3.02
CA GLN B 86 -5.01 24.38 2.41
C GLN B 86 -3.56 23.91 2.60
N LYS B 87 -2.94 24.33 3.70
CA LYS B 87 -1.71 23.71 4.13
C LYS B 87 -1.92 23.17 5.53
N LEU B 88 -1.44 21.96 5.77
CA LEU B 88 -1.43 21.38 7.11
C LEU B 88 -0.02 21.49 7.67
N TRP B 89 0.09 22.08 8.87
CA TRP B 89 1.38 22.23 9.53
C TRP B 89 1.39 21.43 10.82
N ILE B 90 2.38 20.55 10.96
CA ILE B 90 2.51 19.76 12.17
C ILE B 90 3.70 20.27 12.94
N CYS B 91 3.47 20.71 14.17
CA CYS B 91 4.52 21.30 14.97
C CYS B 91 5.08 20.27 15.95
N MET B 92 6.39 20.03 15.86
CA MET B 92 7.02 19.03 16.72
C MET B 92 8.35 19.51 17.30
N GLU B 93 8.88 18.73 18.23
CA GLU B 93 10.16 19.01 18.87
C GLU B 93 11.23 19.21 17.82
N PHE B 94 12.11 20.18 18.03
CA PHE B 94 13.21 20.43 17.10
C PHE B 94 14.45 19.61 17.44
N CYS B 95 14.93 18.86 16.44
CA CYS B 95 16.11 18.03 16.59
C CYS B 95 17.15 18.49 15.57
N GLY B 96 18.08 19.31 16.04
CA GLY B 96 18.94 20.10 15.19
C GLY B 96 19.92 19.37 14.29
N ALA B 97 20.19 18.11 14.57
CA ALA B 97 21.18 17.39 13.78
C ALA B 97 20.51 16.53 12.70
N GLY B 98 19.19 16.48 12.72
CA GLY B 98 18.48 15.68 11.74
C GLY B 98 18.40 14.22 12.12
N SER B 99 18.18 13.35 11.14
CA SER B 99 18.06 11.93 11.41
C SER B 99 19.44 11.30 11.34
N LEU B 100 19.55 10.08 11.84
CA LEU B 100 20.84 9.40 11.80
C LEU B 100 21.24 9.13 10.36
N GLN B 101 20.24 8.93 9.50
CA GLN B 101 20.52 8.76 8.09
C GLN B 101 21.19 10.00 7.52
N ASP B 102 20.60 11.16 7.81
CA ASP B 102 21.17 12.45 7.43
C ASP B 102 22.62 12.54 7.87
N ILE B 103 22.88 12.08 9.10
CA ILE B 103 24.21 12.16 9.69
C ILE B 103 25.22 11.19 9.06
N TYR B 104 24.89 9.91 9.02
CA TYR B 104 25.85 8.92 8.51
C TYR B 104 26.15 9.07 7.02
N GLN B 105 25.28 9.75 6.27
CA GLN B 105 25.56 9.99 4.85
C GLN B 105 26.73 10.94 4.69
N VAL B 106 27.09 11.63 5.77
CA VAL B 106 28.29 12.47 5.71
C VAL B 106 29.44 11.94 6.58
N THR B 107 29.13 11.42 7.77
CA THR B 107 30.17 10.95 8.68
C THR B 107 30.66 9.56 8.34
N GLY B 108 29.83 8.76 7.69
CA GLY B 108 30.15 7.35 7.52
C GLY B 108 29.63 6.55 8.70
N SER B 109 30.00 5.27 8.77
CA SER B 109 29.40 4.36 9.74
C SER B 109 29.67 4.76 11.20
N LEU B 110 28.72 4.45 12.08
CA LEU B 110 28.85 4.75 13.50
C LEU B 110 29.72 3.71 14.20
N SER B 111 30.33 4.10 15.32
CA SER B 111 31.10 3.16 16.12
C SER B 111 30.17 2.17 16.81
N GLU B 112 30.71 1.05 17.30
CA GLU B 112 29.88 0.12 18.07
C GLU B 112 29.27 0.79 19.31
N LEU B 113 30.08 1.57 20.04
CA LEU B 113 29.54 2.30 21.19
C LEU B 113 28.37 3.21 20.82
N GLN B 114 28.53 3.99 19.75
CA GLN B 114 27.50 4.95 19.33
C GLN B 114 26.21 4.22 18.97
N ILE B 115 26.35 3.12 18.24
CA ILE B 115 25.22 2.30 17.89
C ILE B 115 24.54 1.73 19.14
N SER B 116 25.35 1.28 20.09
CA SER B 116 24.85 0.69 21.32
C SER B 116 24.00 1.68 22.09
N TYR B 117 24.48 2.92 22.16
CA TYR B 117 23.74 3.97 22.84
C TYR B 117 22.44 4.26 22.11
N VAL B 118 22.51 4.43 20.79
CA VAL B 118 21.32 4.65 19.99
C VAL B 118 20.28 3.55 20.20
N CYS B 119 20.72 2.30 20.18
CA CYS B 119 19.81 1.18 20.39
C CYS B 119 19.18 1.21 21.77
N ARG B 120 19.96 1.51 22.80
CA ARG B 120 19.39 1.62 24.13
C ARG B 120 18.29 2.69 24.18
N GLU B 121 18.57 3.85 23.58
CA GLU B 121 17.60 4.93 23.62
C GLU B 121 16.34 4.59 22.81
N VAL B 122 16.52 3.92 21.67
CA VAL B 122 15.36 3.50 20.86
C VAL B 122 14.51 2.49 21.62
N LEU B 123 15.18 1.54 22.27
CA LEU B 123 14.51 0.53 23.08
C LEU B 123 13.71 1.13 24.24
N GLN B 124 14.22 2.19 24.86
CA GLN B 124 13.47 2.86 25.92
C GLN B 124 12.17 3.43 25.35
N GLY B 125 12.30 4.11 24.22
CA GLY B 125 11.13 4.58 23.48
C GLY B 125 10.16 3.47 23.13
N LEU B 126 10.69 2.35 22.66
CA LEU B 126 9.85 1.24 22.20
C LEU B 126 9.13 0.58 23.37
N ALA B 127 9.85 0.39 24.48
CA ALA B 127 9.27 -0.20 25.67
C ALA B 127 8.11 0.66 26.14
N TYR B 128 8.28 1.99 26.05
CA TYR B 128 7.21 2.90 26.43
C TYR B 128 6.00 2.75 25.51
N LEU B 129 6.22 2.78 24.21
CA LEU B 129 5.12 2.66 23.24
C LEU B 129 4.34 1.36 23.43
N HIS B 130 5.09 0.27 23.56
CA HIS B 130 4.48 -1.04 23.69
C HIS B 130 3.73 -1.16 25.01
N SER B 131 4.21 -0.48 26.03
CA SER B 131 3.50 -0.45 27.31
C SER B 131 2.16 0.27 27.18
N GLN B 132 2.05 1.16 26.18
CA GLN B 132 0.82 1.89 25.90
C GLN B 132 0.02 1.24 24.78
N LYS B 133 0.40 0.00 24.45
CA LYS B 133 -0.23 -0.76 23.37
C LYS B 133 -0.12 -0.08 22.01
N LYS B 134 0.94 0.71 21.84
CA LYS B 134 1.22 1.35 20.55
C LYS B 134 2.38 0.65 19.87
N ILE B 135 2.48 0.83 18.56
CA ILE B 135 3.57 0.22 17.79
C ILE B 135 4.19 1.33 16.95
N HIS B 136 5.53 1.41 16.89
CA HIS B 136 6.12 2.46 16.09
C HIS B 136 5.90 2.24 14.59
N ARG B 137 6.14 1.01 14.15
N ARG B 137 6.13 1.01 14.16
CA ARG B 137 5.87 0.55 12.79
CA ARG B 137 5.88 0.54 12.78
C ARG B 137 6.93 0.88 11.74
C ARG B 137 6.92 0.89 11.74
N ASP B 138 7.82 1.83 12.02
CA ASP B 138 8.84 2.20 11.03
C ASP B 138 10.21 2.59 11.59
N ILE B 139 10.79 1.71 12.41
CA ILE B 139 12.11 1.99 12.97
C ILE B 139 13.17 1.83 11.88
N LYS B 140 13.92 2.90 11.67
CA LYS B 140 14.99 2.95 10.68
C LYS B 140 15.75 4.23 10.94
N GLY B 141 16.95 4.34 10.39
CA GLY B 141 17.81 5.48 10.65
C GLY B 141 17.18 6.81 10.31
N ALA B 142 16.37 6.84 9.27
CA ALA B 142 15.75 8.09 8.87
C ALA B 142 14.70 8.54 9.89
N ASN B 143 14.25 7.61 10.74
CA ASN B 143 13.24 7.92 11.75
C ASN B 143 13.79 8.07 13.17
N ILE B 144 15.10 8.05 13.30
CA ILE B 144 15.74 8.30 14.60
C ILE B 144 16.39 9.67 14.55
N LEU B 145 15.83 10.62 15.30
CA LEU B 145 16.26 12.01 15.25
C LEU B 145 17.24 12.30 16.37
N ILE B 146 18.18 13.21 16.11
CA ILE B 146 19.21 13.59 17.08
C ILE B 146 19.20 15.10 17.32
N ASN B 147 19.12 15.51 18.58
CA ASN B 147 19.21 16.94 18.85
C ASN B 147 20.65 17.40 19.15
N ASP B 148 20.85 18.70 19.29
CA ASP B 148 22.20 19.22 19.46
C ASP B 148 22.82 18.77 20.79
N ALA B 149 21.99 18.27 21.70
CA ALA B 149 22.49 17.73 22.96
C ALA B 149 22.92 16.27 22.84
N GLY B 150 22.75 15.69 21.64
CA GLY B 150 23.07 14.28 21.42
C GLY B 150 22.04 13.31 21.95
N GLU B 151 20.83 13.79 22.20
CA GLU B 151 19.74 12.93 22.66
C GLU B 151 19.00 12.35 21.47
N VAL B 152 18.41 11.18 21.65
CA VAL B 152 17.77 10.52 20.51
C VAL B 152 16.24 10.45 20.65
N ARG B 153 15.56 10.76 19.55
CA ARG B 153 14.11 10.85 19.51
C ARG B 153 13.58 10.03 18.33
N LEU B 154 12.57 9.20 18.58
CA LEU B 154 11.85 8.53 17.50
C LEU B 154 10.89 9.50 16.84
N ALA B 155 10.97 9.61 15.51
CA ALA B 155 10.04 10.44 14.75
C ALA B 155 8.73 9.69 14.54
N ASP B 156 7.64 10.42 14.30
CA ASP B 156 6.37 9.74 14.02
C ASP B 156 6.31 9.15 12.62
N PHE B 157 5.72 7.96 12.53
CA PHE B 157 5.45 7.32 11.24
C PHE B 157 3.97 7.36 10.82
N GLY B 158 3.07 7.31 11.80
CA GLY B 158 1.66 7.14 11.53
C GLY B 158 1.01 8.21 10.67
N ILE B 159 1.36 9.47 10.94
CA ILE B 159 0.74 10.56 10.21
C ILE B 159 1.22 10.57 8.78
N SER B 160 2.53 10.51 8.64
CA SER B 160 3.17 10.49 7.33
C SER B 160 2.67 9.32 6.47
N ALA B 161 2.47 8.17 7.08
CA ALA B 161 1.97 6.99 6.37
C ALA B 161 0.60 7.26 5.75
N GLN B 162 -0.30 7.88 6.51
CA GLN B 162 -1.64 8.17 6.00
C GLN B 162 -1.62 9.17 4.87
N ILE B 163 -0.77 10.18 4.99
CA ILE B 163 -0.60 11.16 3.92
C ILE B 163 -0.08 10.47 2.65
N GLY B 164 0.95 9.64 2.83
CA GLY B 164 1.51 8.84 1.75
C GLY B 164 0.46 8.00 1.04
N ALA B 165 -0.36 7.29 1.80
CA ALA B 165 -1.39 6.45 1.21
C ALA B 165 -2.39 7.26 0.38
N THR B 166 -2.84 8.39 0.93
CA THR B 166 -3.77 9.28 0.23
C THR B 166 -3.21 9.73 -1.12
N LEU B 167 -1.94 10.12 -1.14
CA LEU B 167 -1.26 10.46 -2.38
C LEU B 167 -1.25 9.30 -3.38
N ALA B 168 -0.84 8.13 -2.92
CA ALA B 168 -0.85 6.93 -3.75
C ALA B 168 -2.25 6.61 -4.31
N ARG B 169 -3.28 6.76 -3.47
CA ARG B 169 -4.66 6.54 -3.95
C ARG B 169 -5.05 7.55 -5.02
N ARG B 170 -4.67 8.81 -4.80
CA ARG B 170 -4.99 9.89 -5.72
C ARG B 170 -4.43 9.61 -7.10
N LEU B 171 -3.21 9.08 -7.13
CA LEU B 171 -2.52 8.80 -8.38
C LEU B 171 -2.77 7.38 -8.88
N ALA B 172 -3.68 6.67 -8.21
CA ALA B 172 -4.06 5.31 -8.57
C ALA B 172 -2.92 4.29 -8.56
N PHE B 173 -1.90 4.53 -7.75
CA PHE B 173 -0.80 3.57 -7.62
C PHE B 173 -1.26 2.40 -6.74
N ILE B 174 -2.13 2.72 -5.79
CA ILE B 174 -2.79 1.73 -4.98
C ILE B 174 -4.28 1.94 -5.12
N GLY B 175 -5.05 0.92 -4.78
CA GLY B 175 -6.49 0.99 -4.94
C GLY B 175 -7.19 1.82 -3.88
N THR B 176 -8.43 2.14 -4.18
CA THR B 176 -9.31 2.82 -3.24
C THR B 176 -10.08 1.71 -2.49
N PRO B 177 -10.75 2.03 -1.37
CA PRO B 177 -11.35 0.93 -0.61
C PRO B 177 -12.83 0.63 -0.88
N TYR B 178 -13.46 1.38 -1.78
CA TYR B 178 -14.93 1.30 -1.92
C TYR B 178 -15.46 -0.09 -2.28
N TRP B 179 -14.67 -0.88 -3.00
CA TRP B 179 -15.11 -2.22 -3.42
C TRP B 179 -14.55 -3.30 -2.49
N MET B 180 -13.77 -2.91 -1.48
CA MET B 180 -13.09 -3.90 -0.65
C MET B 180 -14.00 -4.54 0.40
N ALA B 181 -13.91 -5.86 0.55
CA ALA B 181 -14.57 -6.54 1.66
C ALA B 181 -13.97 -6.06 3.00
N PRO B 182 -14.74 -6.18 4.09
CA PRO B 182 -14.26 -5.72 5.40
C PRO B 182 -12.99 -6.44 5.89
N GLU B 183 -12.81 -7.74 5.60
CA GLU B 183 -11.56 -8.45 5.97
C GLU B 183 -10.37 -7.76 5.31
N VAL B 184 -10.57 -7.35 4.07
CA VAL B 184 -9.49 -6.76 3.28
C VAL B 184 -9.22 -5.37 3.80
N ALA B 185 -10.30 -4.62 4.02
CA ALA B 185 -10.22 -3.29 4.61
C ALA B 185 -9.44 -3.30 5.93
N ALA B 186 -9.74 -4.27 6.77
CA ALA B 186 -9.10 -4.38 8.08
C ALA B 186 -7.60 -4.53 7.94
N VAL B 187 -7.18 -5.43 7.05
CA VAL B 187 -5.76 -5.65 6.83
C VAL B 187 -5.09 -4.40 6.28
N ALA B 188 -5.79 -3.69 5.40
CA ALA B 188 -5.29 -2.44 4.84
C ALA B 188 -5.17 -1.34 5.91
N LEU B 189 -5.69 -1.58 7.11
CA LEU B 189 -5.47 -0.70 8.26
C LEU B 189 -4.47 -1.31 9.24
N LYS B 190 -4.74 -2.55 9.64
CA LYS B 190 -3.88 -3.30 10.55
C LYS B 190 -2.46 -3.45 10.00
N GLY B 191 -2.35 -3.93 8.77
CA GLY B 191 -1.06 -4.20 8.19
C GLY B 191 -0.47 -5.44 8.84
N GLY B 192 0.82 -5.68 8.65
CA GLY B 192 1.45 -6.84 9.25
C GLY B 192 1.91 -6.58 10.67
N TYR B 193 1.58 -5.42 11.20
CA TYR B 193 2.25 -4.95 12.41
C TYR B 193 1.79 -5.61 13.71
N ASN B 194 2.78 -6.04 14.49
CA ASN B 194 2.62 -6.42 15.88
C ASN B 194 3.78 -5.72 16.60
N GLU B 195 3.72 -5.57 17.91
CA GLU B 195 4.71 -4.75 18.62
C GLU B 195 6.15 -5.25 18.41
N LEU B 196 6.30 -6.56 18.30
CA LEU B 196 7.62 -7.18 18.15
C LEU B 196 8.24 -6.93 16.77
N CYS B 197 7.45 -6.42 15.83
CA CYS B 197 8.04 -6.09 14.53
C CYS B 197 9.05 -4.93 14.66
N ASP B 198 8.80 -4.06 15.64
CA ASP B 198 9.71 -2.95 15.97
C ASP B 198 11.09 -3.45 16.40
N ILE B 199 11.13 -4.59 17.08
CA ILE B 199 12.40 -5.18 17.54
C ILE B 199 13.22 -5.66 16.35
N TRP B 200 12.57 -6.36 15.41
CA TRP B 200 13.25 -6.77 14.18
C TRP B 200 13.78 -5.55 13.44
N SER B 201 12.96 -4.50 13.36
CA SER B 201 13.34 -3.29 12.63
C SER B 201 14.53 -2.59 13.25
N LEU B 202 14.58 -2.57 14.58
CA LEU B 202 15.77 -2.05 15.27
C LEU B 202 17.02 -2.85 14.91
N GLY B 203 16.87 -4.17 14.87
CA GLY B 203 17.98 -5.05 14.48
C GLY B 203 18.53 -4.71 13.11
N ILE B 204 17.63 -4.50 12.14
CA ILE B 204 18.02 -4.06 10.81
C ILE B 204 18.66 -2.67 10.82
N THR B 205 18.09 -1.78 11.64
CA THR B 205 18.64 -0.44 11.82
C THR B 205 20.08 -0.45 12.35
N ALA B 206 20.38 -1.35 13.30
CA ALA B 206 21.75 -1.46 13.80
C ALA B 206 22.74 -1.80 12.69
N ILE B 207 22.32 -2.69 11.79
CA ILE B 207 23.16 -3.06 10.63
C ILE B 207 23.33 -1.84 9.73
N GLU B 208 22.22 -1.14 9.50
CA GLU B 208 22.21 0.06 8.68
C GLU B 208 23.19 1.11 9.19
N LEU B 209 23.20 1.32 10.50
CA LEU B 209 24.09 2.27 11.15
C LEU B 209 25.54 1.81 11.04
N ALA B 210 25.72 0.49 11.05
CA ALA B 210 27.05 -0.10 10.97
C ALA B 210 27.58 -0.12 9.53
N GLU B 211 26.69 -0.22 8.54
CA GLU B 211 27.09 -0.52 7.17
C GLU B 211 26.60 0.48 6.12
N LEU B 212 25.76 1.44 6.54
CA LEU B 212 25.27 2.57 5.72
C LEU B 212 24.07 2.22 4.84
N GLN B 213 23.60 0.99 4.94
CA GLN B 213 22.37 0.58 4.27
C GLN B 213 21.85 -0.69 4.93
N PRO B 214 20.53 -0.91 4.90
CA PRO B 214 20.02 -2.18 5.41
C PRO B 214 20.42 -3.32 4.48
N PRO B 215 20.34 -4.56 4.97
CA PRO B 215 20.57 -5.74 4.12
C PRO B 215 19.67 -5.73 2.88
N LEU B 216 20.21 -6.19 1.76
CA LEU B 216 19.47 -6.30 0.50
C LEU B 216 19.01 -4.98 -0.10
N PHE B 217 19.58 -3.87 0.34
CA PHE B 217 19.18 -2.56 -0.14
C PHE B 217 19.35 -2.38 -1.66
N ASP B 218 20.30 -3.09 -2.25
CA ASP B 218 20.56 -2.97 -3.68
C ASP B 218 19.73 -3.95 -4.49
N VAL B 219 18.85 -4.68 -3.81
CA VAL B 219 17.98 -5.64 -4.45
C VAL B 219 16.56 -5.07 -4.60
N HIS B 220 15.88 -5.42 -5.69
CA HIS B 220 14.53 -4.93 -5.98
C HIS B 220 13.53 -5.30 -4.87
N PRO B 221 12.72 -4.30 -4.44
CA PRO B 221 11.81 -4.48 -3.30
C PRO B 221 10.88 -5.66 -3.42
N LEU B 222 10.26 -5.85 -4.58
CA LEU B 222 9.39 -7.00 -4.76
C LEU B 222 10.20 -8.30 -4.61
N ARG B 223 11.40 -8.32 -5.20
CA ARG B 223 12.26 -9.49 -5.03
C ARG B 223 12.56 -9.73 -3.54
N VAL B 224 12.88 -8.67 -2.80
CA VAL B 224 13.18 -8.87 -1.39
C VAL B 224 11.96 -9.35 -0.60
N LEU B 225 10.77 -8.83 -0.93
CA LEU B 225 9.54 -9.36 -0.36
C LEU B 225 9.39 -10.88 -0.59
N PHE B 226 9.59 -11.31 -1.84
CA PHE B 226 9.54 -12.73 -2.14
C PHE B 226 10.58 -13.52 -1.32
N LEU B 227 11.80 -13.01 -1.29
CA LEU B 227 12.87 -13.70 -0.59
C LEU B 227 12.62 -13.81 0.91
N MET B 228 12.16 -12.73 1.54
CA MET B 228 12.06 -12.70 2.99
C MET B 228 10.86 -13.45 3.55
N THR B 229 9.94 -13.83 2.67
CA THR B 229 8.76 -14.58 3.09
C THR B 229 8.88 -16.07 2.78
N LYS B 230 10.02 -16.49 2.24
CA LYS B 230 10.31 -17.90 2.06
C LYS B 230 10.51 -18.53 3.43
N SER B 231 10.08 -19.77 3.59
CA SER B 231 10.53 -20.54 4.74
C SER B 231 12.00 -20.85 4.49
N GLY B 232 12.81 -20.77 5.54
CA GLY B 232 14.23 -21.00 5.37
C GLY B 232 14.99 -19.73 4.99
N TYR B 233 14.27 -18.61 4.92
CA TYR B 233 14.93 -17.31 4.76
C TYR B 233 15.93 -17.13 5.89
N GLN B 234 17.18 -16.81 5.55
CA GLN B 234 18.22 -16.58 6.54
C GLN B 234 18.22 -15.13 7.00
N PRO B 235 17.99 -14.91 8.30
CA PRO B 235 18.06 -13.55 8.86
C PRO B 235 19.42 -12.95 8.57
N PRO B 236 19.44 -11.65 8.27
CA PRO B 236 20.68 -10.96 7.91
C PRO B 236 21.71 -10.95 9.05
N ARG B 237 22.95 -10.68 8.69
CA ARG B 237 24.05 -10.64 9.65
C ARG B 237 24.91 -9.47 9.30
N LEU B 238 25.71 -9.01 10.26
CA LEU B 238 26.77 -8.03 9.99
C LEU B 238 27.80 -8.65 9.04
N LYS B 239 28.24 -7.87 8.06
CA LYS B 239 29.10 -8.37 7.00
C LYS B 239 30.54 -8.62 7.48
N GLU B 240 31.11 -7.66 8.20
CA GLU B 240 32.49 -7.76 8.67
C GLU B 240 32.56 -8.29 10.10
N LYS B 241 32.76 -9.60 10.24
CA LYS B 241 32.70 -10.24 11.56
C LYS B 241 33.71 -9.68 12.55
N GLY B 242 34.94 -9.50 12.12
CA GLY B 242 36.00 -9.07 13.03
C GLY B 242 35.85 -7.66 13.57
N LYS B 243 35.03 -6.86 12.89
CA LYS B 243 34.86 -5.45 13.24
C LYS B 243 34.01 -5.25 14.51
N TRP B 244 33.21 -6.25 14.85
CA TRP B 244 32.17 -6.08 15.86
C TRP B 244 32.30 -7.12 16.97
N SER B 245 31.90 -6.74 18.18
CA SER B 245 32.05 -7.62 19.34
C SER B 245 31.07 -8.77 19.25
N ALA B 246 31.34 -9.81 20.03
CA ALA B 246 30.43 -10.95 20.15
C ALA B 246 29.04 -10.49 20.62
N ALA B 247 29.04 -9.54 21.55
CA ALA B 247 27.78 -8.99 22.04
C ALA B 247 26.97 -8.31 20.95
N PHE B 248 27.62 -7.58 20.05
CA PHE B 248 26.89 -6.89 18.98
C PHE B 248 26.34 -7.95 18.02
N HIS B 249 27.17 -8.90 17.63
CA HIS B 249 26.71 -10.01 16.81
C HIS B 249 25.53 -10.72 17.48
N ASN B 250 25.58 -10.88 18.79
CA ASN B 250 24.47 -11.55 19.49
C ASN B 250 23.18 -10.72 19.50
N PHE B 251 23.33 -9.40 19.65
CA PHE B 251 22.21 -8.47 19.61
C PHE B 251 21.49 -8.60 18.26
N ILE B 252 22.28 -8.62 17.19
CA ILE B 252 21.73 -8.80 15.86
C ILE B 252 21.03 -10.14 15.75
N LYS B 253 21.67 -11.19 16.24
CA LYS B 253 21.09 -12.52 16.18
C LYS B 253 19.71 -12.60 16.83
N VAL B 254 19.59 -12.04 18.04
CA VAL B 254 18.34 -12.18 18.80
C VAL B 254 17.21 -11.22 18.37
N THR B 255 17.56 -10.00 17.97
CA THR B 255 16.52 -9.08 17.49
C THR B 255 15.98 -9.58 16.16
N LEU B 256 16.85 -10.16 15.35
CA LEU B 256 16.43 -10.70 14.05
C LEU B 256 15.97 -12.15 14.12
N THR B 257 15.10 -12.43 15.09
CA THR B 257 14.48 -13.75 15.20
C THR B 257 13.24 -13.79 14.33
N LYS B 258 13.20 -14.77 13.43
CA LYS B 258 12.11 -14.91 12.46
C LYS B 258 10.75 -15.06 13.11
N SER B 259 10.66 -15.92 14.12
CA SER B 259 9.38 -16.18 14.78
C SER B 259 9.08 -15.11 15.83
N PRO B 260 8.05 -14.28 15.58
CA PRO B 260 7.67 -13.21 16.50
C PRO B 260 7.31 -13.76 17.88
N LYS B 261 6.92 -15.02 17.93
CA LYS B 261 6.63 -15.68 19.20
C LYS B 261 7.89 -15.89 20.01
N LYS B 262 9.04 -15.88 19.34
CA LYS B 262 10.33 -16.13 20.00
C LYS B 262 11.25 -14.91 20.01
N ARG B 263 10.84 -13.85 19.31
CA ARG B 263 11.59 -12.60 19.27
C ARG B 263 11.40 -11.86 20.59
N PRO B 264 12.50 -11.41 21.21
CA PRO B 264 12.48 -10.75 22.51
C PRO B 264 11.75 -9.40 22.51
N SER B 265 11.11 -9.08 23.62
CA SER B 265 10.45 -7.79 23.81
C SER B 265 11.47 -6.66 24.00
N ALA B 266 10.98 -5.42 24.00
CA ALA B 266 11.85 -4.27 24.21
C ALA B 266 12.50 -4.31 25.59
N THR B 267 11.70 -4.56 26.62
CA THR B 267 12.23 -4.61 27.98
C THR B 267 13.23 -5.75 28.15
N LYS B 268 12.95 -6.91 27.57
CA LYS B 268 13.93 -7.98 27.57
C LYS B 268 15.23 -7.51 26.92
N MET B 269 15.12 -6.81 25.80
CA MET B 269 16.30 -6.32 25.08
C MET B 269 17.10 -5.25 25.81
N LEU B 270 16.43 -4.51 26.69
CA LEU B 270 17.12 -3.53 27.52
C LEU B 270 18.04 -4.22 28.53
N SER B 271 17.86 -5.53 28.68
CA SER B 271 18.72 -6.32 29.57
C SER B 271 19.96 -6.85 28.85
N HIS B 272 20.00 -6.72 27.54
CA HIS B 272 21.09 -7.28 26.75
C HIS B 272 22.40 -6.56 27.05
N GLN B 273 23.48 -7.32 27.03
CA GLN B 273 24.82 -6.83 27.35
C GLN B 273 25.14 -5.56 26.56
N LEU B 274 24.79 -5.55 25.29
CA LEU B 274 25.20 -4.46 24.40
C LEU B 274 24.65 -3.10 24.86
N VAL B 275 23.39 -3.06 25.29
CA VAL B 275 22.76 -1.80 25.64
C VAL B 275 22.71 -1.55 27.15
N SER B 276 23.07 -2.54 27.95
CA SER B 276 23.09 -2.35 29.39
C SER B 276 24.50 -2.02 29.89
N GLN B 277 25.48 -2.06 28.99
CA GLN B 277 26.87 -1.80 29.38
C GLN B 277 27.01 -0.39 29.92
N PRO B 278 27.87 -0.23 30.93
CA PRO B 278 28.07 1.11 31.49
C PRO B 278 28.93 1.96 30.56
N GLY B 279 28.73 3.27 30.61
CA GLY B 279 29.50 4.18 29.79
C GLY B 279 28.69 4.82 28.68
N LEU B 280 27.57 4.17 28.33
CA LEU B 280 26.70 4.69 27.28
C LEU B 280 26.01 5.98 27.73
N ASN B 281 26.32 7.08 27.06
CA ASN B 281 25.62 8.33 27.26
C ASN B 281 25.76 9.22 26.04
N ARG B 282 25.08 10.36 26.06
CA ARG B 282 24.95 11.23 24.90
C ARG B 282 26.29 11.79 24.38
N GLY B 283 27.32 11.81 25.22
CA GLY B 283 28.61 12.29 24.77
C GLY B 283 29.14 11.52 23.56
N LEU B 284 28.76 10.25 23.46
CA LEU B 284 29.13 9.44 22.29
C LEU B 284 28.58 10.05 21.00
N ILE B 285 27.39 10.59 21.08
CA ILE B 285 26.78 11.26 19.93
C ILE B 285 27.32 12.67 19.75
N LEU B 286 27.64 13.35 20.86
CA LEU B 286 28.26 14.67 20.76
C LEU B 286 29.54 14.51 19.92
N ASP B 287 30.25 13.41 20.14
CA ASP B 287 31.42 13.07 19.31
C ASP B 287 31.06 12.97 17.83
N LEU B 288 29.96 12.28 17.56
CA LEU B 288 29.50 12.11 16.17
C LEU B 288 29.16 13.47 15.54
N LEU B 289 28.53 14.34 16.33
CA LEU B 289 28.17 15.68 15.84
C LEU B 289 29.37 16.57 15.58
N ASP B 290 30.39 16.47 16.42
CA ASP B 290 31.63 17.16 16.14
C ASP B 290 32.23 16.66 14.83
N LYS B 291 32.25 15.35 14.64
CA LYS B 291 32.77 14.77 13.39
C LYS B 291 31.96 15.25 12.19
N LEU B 292 30.65 15.36 12.38
CA LEU B 292 29.76 15.91 11.36
C LEU B 292 30.20 17.33 10.99
N LYS B 293 30.45 18.16 12.00
CA LYS B 293 30.77 19.56 11.74
C LYS B 293 32.19 19.77 11.24
N ASN B 294 33.14 19.08 11.86
CA ASN B 294 34.55 19.40 11.67
C ASN B 294 35.39 18.31 11.02
N ASN B 295 34.81 17.11 10.89
CA ASN B 295 35.51 15.96 10.31
C ASN B 295 36.80 15.60 11.04
#